data_9ATI
#
_entry.id   9ATI
#
_cell.length_a   101.309
_cell.length_b   58.122
_cell.length_c   49.755
_cell.angle_alpha   90.00
_cell.angle_beta   112.18
_cell.angle_gamma   90.00
#
_symmetry.space_group_name_H-M   'C 1 2 1'
#
loop_
_entity.id
_entity.type
_entity.pdbx_description
1 polymer '3C-like proteinase nsp5'
2 non-polymer '(1S,2S)-2-{[N-({[(3S)-1-{[(1R,2R,4R)-bicyclo[2.2.1]hept-5-en-2-yl]methyl}-5-oxopyrrolidin-3-yl]methoxy}carbonyl)-L-leucyl]amino}-1-hydroxy-3-[(3S)-2-oxopyrrolidin-3-yl]propane-1-sulfonic acid'
3 non-polymer '(1R,2S)-2-{[N-({[(3S)-1-{[(1R,2R,4R)-bicyclo[2.2.1]hept-5-en-2-yl]methyl}-5-oxopyrrolidin-3-yl]methoxy}carbonyl)-L-leucyl]amino}-1-hydroxy-3-[(3S)-2-oxopyrrolidin-3-yl]propane-1-sulfonic acid'
4 water water
#
_entity_poly.entity_id   1
_entity_poly.type   'polypeptide(L)'
_entity_poly.pdbx_seq_one_letter_code
;MHHHHHHSGLVKMSHPSGDVEACMVQVTCGSMTLNGLWLDNTVWCPRHVMCPADQLSDPNYDALLISMTNHSFSVQKHIG
APANLRVVGHAMQGTLLKLTVDVANPSTPAYTFTTVKPGAAFSVLACYNGRPTGTFTVVMRPNYTIKGSFLCGSCGSVGY
TKEGSVINFCYMHQMELANGTHTGSAFDGTMYGAFMDKQVHQVQLTDKYCSVNVVAWLYAAILNGCAWFVKPNRTSVVSF
NEWALANQFTEFVGTQSVDMLAVKTGVAIEQLLYAIQQLYTGFQGKQILGSTMLEDEFTPEDVNMQIMGVVMQ
;
_entity_poly.pdbx_strand_id   A
#
loop_
_chem_comp.id
_chem_comp.type
_chem_comp.name
_chem_comp.formula
A1AGU non-polymer '(1R,2S)-2-{[N-({[(3S)-1-{[(1R,2R,4R)-bicyclo[2.2.1]hept-5-en-2-yl]methyl}-5-oxopyrrolidin-3-yl]methoxy}carbonyl)-L-leucyl]amino}-1-hydroxy-3-[(3S)-2-oxopyrrolidin-3-yl]propane-1-sulfonic acid' 'C27 H42 N4 O9 S'
A1AGV non-polymer '(1S,2S)-2-{[N-({[(3S)-1-{[(1R,2R,4R)-bicyclo[2.2.1]hept-5-en-2-yl]methyl}-5-oxopyrrolidin-3-yl]methoxy}carbonyl)-L-leucyl]amino}-1-hydroxy-3-[(3S)-2-oxopyrrolidin-3-yl]propane-1-sulfonic acid' 'C27 H42 N4 O9 S'
#
# COMPACT_ATOMS: atom_id res chain seq x y z
N HIS A 6 -20.21 10.10 19.30
CA HIS A 6 -20.59 9.05 18.31
C HIS A 6 -19.35 8.50 17.60
N HIS A 7 -19.30 7.19 17.42
CA HIS A 7 -18.25 6.54 16.66
C HIS A 7 -18.81 6.09 15.32
N SER A 8 -18.04 6.33 14.26
CA SER A 8 -18.50 6.11 12.91
C SER A 8 -18.65 4.66 12.56
N GLY A 9 -18.04 3.77 13.33
CA GLY A 9 -17.94 2.38 12.94
C GLY A 9 -16.85 2.05 11.96
N LEU A 10 -15.94 3.00 11.68
CA LEU A 10 -14.81 2.77 10.80
C LEU A 10 -13.56 2.57 11.62
N VAL A 11 -12.80 1.53 11.27
CA VAL A 11 -11.44 1.33 11.75
C VAL A 11 -10.55 1.06 10.56
N LYS A 12 -9.25 1.15 10.78
CA LYS A 12 -8.31 0.68 9.78
C LYS A 12 -8.29 -0.85 9.85
N MET A 13 -8.91 -1.47 8.84
N MET A 13 -8.90 -1.49 8.85
CA MET A 13 -9.12 -2.92 8.80
CA MET A 13 -9.12 -2.93 8.86
C MET A 13 -8.14 -3.55 7.83
C MET A 13 -8.21 -3.60 7.85
N SER A 14 -7.34 -4.48 8.33
CA SER A 14 -6.45 -5.29 7.51
C SER A 14 -7.06 -6.67 7.31
N HIS A 15 -6.59 -7.37 6.29
CA HIS A 15 -6.93 -8.78 6.15
C HIS A 15 -6.25 -9.59 7.25
N PRO A 16 -6.83 -10.72 7.64
CA PRO A 16 -6.09 -11.63 8.53
C PRO A 16 -4.82 -12.06 7.80
N SER A 17 -3.72 -12.15 8.55
CA SER A 17 -2.39 -12.28 7.97
C SER A 17 -1.85 -13.70 7.91
N GLY A 18 -2.58 -14.68 8.43
CA GLY A 18 -2.02 -16.00 8.59
C GLY A 18 -1.49 -16.59 7.29
N ASP A 19 -2.25 -16.46 6.21
CA ASP A 19 -1.83 -17.07 4.94
C ASP A 19 -0.51 -16.49 4.45
N VAL A 20 -0.29 -15.19 4.66
CA VAL A 20 0.93 -14.55 4.22
C VAL A 20 2.07 -14.82 5.18
N GLU A 21 1.80 -14.86 6.49
CA GLU A 21 2.83 -15.22 7.46
C GLU A 21 3.54 -16.50 7.09
N ALA A 22 2.80 -17.49 6.60
CA ALA A 22 3.37 -18.77 6.23
C ALA A 22 4.27 -18.70 4.99
N CYS A 23 4.38 -17.53 4.35
CA CYS A 23 5.21 -17.38 3.16
C CYS A 23 6.45 -16.54 3.43
N MET A 24 6.62 -16.01 4.62
CA MET A 24 7.73 -15.10 4.87
C MET A 24 8.98 -15.89 5.24
N VAL A 25 10.12 -15.45 4.69
CA VAL A 25 11.41 -16.06 4.96
C VAL A 25 12.44 -14.95 5.18
N GLN A 26 13.58 -15.35 5.69
CA GLN A 26 14.74 -14.49 5.84
C GLN A 26 15.70 -14.78 4.70
N VAL A 27 16.19 -13.74 4.05
CA VAL A 27 17.22 -13.87 3.01
C VAL A 27 18.47 -13.12 3.46
N THR A 28 19.61 -13.83 3.44
CA THR A 28 20.90 -13.25 3.79
C THR A 28 21.84 -13.33 2.59
N CYS A 29 22.61 -12.28 2.38
CA CYS A 29 23.61 -12.25 1.32
C CYS A 29 24.69 -11.32 1.82
N GLY A 30 25.91 -11.82 1.94
CA GLY A 30 27.00 -11.00 2.41
C GLY A 30 26.73 -10.45 3.79
N SER A 31 26.72 -9.12 3.88
CA SER A 31 26.53 -8.41 5.13
C SER A 31 25.10 -7.92 5.31
N MET A 32 24.20 -8.32 4.44
CA MET A 32 22.83 -7.84 4.48
C MET A 32 21.87 -8.98 4.79
N THR A 33 20.83 -8.68 5.57
CA THR A 33 19.75 -9.61 5.77
C THR A 33 18.44 -8.85 5.71
N LEU A 34 17.45 -9.43 5.03
CA LEU A 34 16.11 -8.84 4.97
C LEU A 34 15.10 -9.96 4.78
N ASN A 35 13.87 -9.59 4.43
CA ASN A 35 12.78 -10.54 4.32
C ASN A 35 12.55 -10.89 2.86
N GLY A 36 11.99 -12.08 2.64
CA GLY A 36 11.55 -12.49 1.33
C GLY A 36 10.23 -13.24 1.40
N LEU A 37 9.64 -13.42 0.23
CA LEU A 37 8.33 -14.04 0.08
C LEU A 37 8.49 -15.33 -0.71
N TRP A 38 8.12 -16.45 -0.08
CA TRP A 38 8.31 -17.79 -0.62
C TRP A 38 6.99 -18.31 -1.17
N LEU A 39 6.89 -18.43 -2.49
CA LEU A 39 5.70 -18.92 -3.17
C LEU A 39 6.16 -20.00 -4.13
N ASP A 40 5.56 -21.18 -4.07
CA ASP A 40 5.99 -22.27 -4.95
C ASP A 40 7.49 -22.45 -4.75
N ASN A 41 8.29 -22.54 -5.80
CA ASN A 41 9.73 -22.70 -5.69
C ASN A 41 10.50 -21.39 -5.83
N THR A 42 9.85 -20.27 -5.61
CA THR A 42 10.46 -18.96 -5.81
C THR A 42 10.47 -18.17 -4.51
N VAL A 43 11.56 -17.45 -4.26
CA VAL A 43 11.67 -16.48 -3.16
C VAL A 43 11.94 -15.12 -3.78
N TRP A 44 11.05 -14.18 -3.54
CA TRP A 44 11.20 -12.79 -3.97
C TRP A 44 11.79 -11.96 -2.84
N CYS A 45 12.74 -11.07 -3.15
CA CYS A 45 13.24 -10.18 -2.12
C CYS A 45 13.81 -8.94 -2.81
N PRO A 46 14.03 -7.87 -2.06
CA PRO A 46 14.64 -6.67 -2.65
C PRO A 46 16.06 -6.96 -3.10
N ARG A 47 16.43 -6.38 -4.24
CA ARG A 47 17.78 -6.64 -4.73
C ARG A 47 18.88 -5.99 -3.90
N HIS A 48 18.58 -4.99 -3.06
CA HIS A 48 19.69 -4.42 -2.32
C HIS A 48 20.17 -5.32 -1.21
N VAL A 49 19.60 -6.52 -1.07
CA VAL A 49 20.25 -7.51 -0.23
C VAL A 49 21.65 -7.82 -0.76
N MET A 50 21.90 -7.61 -2.05
CA MET A 50 23.21 -7.89 -2.63
C MET A 50 24.24 -6.81 -2.32
N CYS A 51 23.79 -5.68 -1.82
CA CYS A 51 24.67 -4.54 -1.60
CA CYS A 51 24.65 -4.52 -1.58
C CYS A 51 25.43 -4.71 -0.28
N PRO A 52 26.72 -4.44 -0.27
CA PRO A 52 27.42 -4.38 1.02
C PRO A 52 26.73 -3.34 1.90
N ALA A 53 26.54 -3.69 3.17
CA ALA A 53 25.73 -2.84 4.04
C ALA A 53 26.26 -1.41 4.13
N ASP A 54 27.50 -1.18 3.74
CA ASP A 54 28.10 0.16 3.80
C ASP A 54 28.19 0.84 2.45
N GLN A 55 27.49 0.32 1.43
CA GLN A 55 27.48 0.93 0.11
C GLN A 55 26.06 1.02 -0.44
N LEU A 56 25.08 1.27 0.43
CA LEU A 56 23.70 1.40 -0.02
C LEU A 56 23.43 2.73 -0.70
N SER A 57 24.41 3.64 -0.77
CA SER A 57 24.13 5.00 -1.23
CA SER A 57 24.15 5.00 -1.24
C SER A 57 23.56 5.00 -2.64
N ASP A 58 24.26 4.39 -3.60
CA ASP A 58 23.84 4.44 -5.01
C ASP A 58 24.41 3.24 -5.77
N PRO A 59 23.87 2.05 -5.53
CA PRO A 59 24.51 0.82 -6.00
C PRO A 59 24.41 0.58 -7.50
N ASN A 60 25.44 -0.09 -8.04
CA ASN A 60 25.40 -0.68 -9.38
C ASN A 60 24.94 -2.12 -9.28
N TYR A 61 23.63 -2.32 -9.38
CA TYR A 61 23.07 -3.64 -9.16
C TYR A 61 23.40 -4.64 -10.28
N ASP A 62 23.59 -4.17 -11.50
CA ASP A 62 24.00 -5.10 -12.55
C ASP A 62 25.33 -5.77 -12.21
N ALA A 63 26.29 -4.98 -11.73
CA ALA A 63 27.59 -5.57 -11.40
C ALA A 63 27.48 -6.48 -10.18
N LEU A 64 26.68 -6.08 -9.19
CA LEU A 64 26.49 -6.94 -8.03
C LEU A 64 25.91 -8.29 -8.45
N LEU A 65 24.90 -8.29 -9.31
CA LEU A 65 24.27 -9.53 -9.72
C LEU A 65 25.27 -10.50 -10.37
N ILE A 66 26.13 -9.96 -11.23
CA ILE A 66 27.13 -10.79 -11.90
C ILE A 66 28.06 -11.45 -10.90
N SER A 67 28.36 -10.77 -9.80
CA SER A 67 29.31 -11.27 -8.81
C SER A 67 28.73 -12.37 -7.92
N MET A 68 27.43 -12.61 -7.95
CA MET A 68 26.82 -13.59 -7.07
C MET A 68 26.73 -14.96 -7.74
N THR A 69 26.65 -15.99 -6.89
CA THR A 69 26.33 -17.34 -7.32
C THR A 69 25.20 -17.83 -6.44
N ASN A 70 24.73 -19.06 -6.68
CA ASN A 70 23.57 -19.51 -5.92
C ASN A 70 23.87 -19.58 -4.43
N HIS A 71 25.05 -20.04 -4.05
CA HIS A 71 25.26 -20.11 -2.60
C HIS A 71 25.81 -18.80 -2.02
N SER A 72 25.74 -17.70 -2.79
CA SER A 72 25.85 -16.38 -2.19
C SER A 72 24.65 -16.02 -1.33
N PHE A 73 23.56 -16.77 -1.45
CA PHE A 73 22.30 -16.46 -0.80
C PHE A 73 21.95 -17.56 0.18
N SER A 74 21.43 -17.18 1.33
CA SER A 74 20.95 -18.12 2.34
C SER A 74 19.51 -17.76 2.66
N VAL A 75 18.61 -18.73 2.52
CA VAL A 75 17.19 -18.51 2.74
C VAL A 75 16.73 -19.40 3.89
N GLN A 76 16.12 -18.80 4.91
CA GLN A 76 15.72 -19.53 6.12
C GLN A 76 14.28 -19.22 6.46
N LYS A 77 13.51 -20.26 6.73
CA LYS A 77 12.15 -20.10 7.26
C LYS A 77 12.20 -20.41 8.74
N HIS A 78 11.58 -19.55 9.55
CA HIS A 78 11.73 -19.58 11.01
C HIS A 78 10.51 -20.14 11.74
N ILE A 79 9.33 -19.55 11.56
CA ILE A 79 8.17 -19.94 12.34
C ILE A 79 7.45 -21.07 11.62
N GLY A 80 6.60 -21.77 12.37
CA GLY A 80 5.78 -22.81 11.81
C GLY A 80 6.56 -24.06 11.44
N ALA A 81 7.38 -23.97 10.41
CA ALA A 81 8.14 -25.12 9.90
C ALA A 81 9.56 -24.67 9.60
N PRO A 82 10.43 -24.68 10.62
CA PRO A 82 11.80 -24.15 10.44
C PRO A 82 12.57 -24.91 9.35
N ALA A 83 13.34 -24.16 8.56
CA ALA A 83 13.98 -24.76 7.38
C ALA A 83 15.05 -23.83 6.82
N ASN A 84 16.12 -24.43 6.29
CA ASN A 84 17.02 -23.76 5.36
C ASN A 84 16.64 -24.20 3.96
N LEU A 85 16.43 -23.24 3.07
CA LEU A 85 15.97 -23.48 1.70
C LEU A 85 17.13 -23.29 0.73
N ARG A 86 17.56 -24.37 0.11
CA ARG A 86 18.71 -24.30 -0.78
C ARG A 86 18.36 -23.52 -2.03
N VAL A 87 19.16 -22.50 -2.33
CA VAL A 87 19.02 -21.70 -3.55
C VAL A 87 19.67 -22.45 -4.72
N VAL A 88 18.90 -22.68 -5.78
CA VAL A 88 19.36 -23.39 -6.97
C VAL A 88 19.26 -22.53 -8.22
N GLY A 89 18.87 -21.27 -8.08
CA GLY A 89 18.83 -20.35 -9.19
C GLY A 89 18.64 -18.94 -8.68
N HIS A 90 19.09 -17.98 -9.48
CA HIS A 90 18.87 -16.58 -9.11
C HIS A 90 18.76 -15.71 -10.35
N ALA A 91 17.95 -14.67 -10.22
CA ALA A 91 17.73 -13.75 -11.33
C ALA A 91 17.23 -12.44 -10.75
N MET A 92 17.39 -11.37 -11.52
CA MET A 92 16.96 -10.05 -11.12
C MET A 92 15.84 -9.63 -12.03
N GLN A 93 14.76 -9.09 -11.46
CA GLN A 93 13.72 -8.45 -12.26
C GLN A 93 13.46 -7.08 -11.66
N GLY A 94 13.89 -6.04 -12.37
CA GLY A 94 13.72 -4.69 -11.85
C GLY A 94 14.45 -4.61 -10.54
N THR A 95 13.74 -4.16 -9.50
CA THR A 95 14.31 -3.93 -8.19
C THR A 95 14.15 -5.11 -7.25
N LEU A 96 13.76 -6.27 -7.79
CA LEU A 96 13.60 -7.49 -7.01
C LEU A 96 14.55 -8.58 -7.52
N LEU A 97 14.94 -9.44 -6.59
CA LEU A 97 15.54 -10.72 -6.93
C LEU A 97 14.50 -11.81 -6.90
N LYS A 98 14.65 -12.74 -7.80
CA LYS A 98 13.84 -13.94 -7.91
C LYS A 98 14.80 -15.10 -7.64
N LEU A 99 14.74 -15.68 -6.45
CA LEU A 99 15.58 -16.83 -6.12
C LEU A 99 14.75 -18.09 -6.35
N THR A 100 15.37 -19.09 -6.95
CA THR A 100 14.70 -20.37 -7.10
C THR A 100 15.26 -21.27 -6.01
N VAL A 101 14.36 -21.94 -5.27
CA VAL A 101 14.76 -22.81 -4.18
C VAL A 101 14.27 -24.21 -4.50
N ASP A 102 14.85 -25.20 -3.83
CA ASP A 102 14.62 -26.58 -4.24
C ASP A 102 13.42 -27.20 -3.52
N VAL A 103 12.67 -26.43 -2.75
CA VAL A 103 11.51 -26.92 -2.04
C VAL A 103 10.37 -25.97 -2.33
N ALA A 104 9.23 -26.53 -2.72
CA ALA A 104 8.02 -25.73 -2.92
C ALA A 104 7.38 -25.46 -1.58
N ASN A 105 6.99 -24.20 -1.36
CA ASN A 105 6.31 -23.84 -0.13
C ASN A 105 5.02 -24.64 -0.02
N PRO A 106 4.92 -25.60 0.92
CA PRO A 106 3.66 -26.36 1.05
C PRO A 106 2.48 -25.53 1.52
N SER A 107 2.71 -24.30 1.97
CA SER A 107 1.62 -23.42 2.37
C SER A 107 1.40 -22.30 1.37
N THR A 108 1.77 -22.50 0.12
CA THR A 108 1.56 -21.47 -0.88
C THR A 108 0.08 -21.24 -1.07
N PRO A 109 -0.42 -20.04 -0.88
CA PRO A 109 -1.84 -19.78 -1.12
C PRO A 109 -2.13 -19.60 -2.60
N ALA A 110 -3.42 -19.61 -2.95
CA ALA A 110 -3.79 -19.15 -4.28
C ALA A 110 -3.42 -17.68 -4.36
N TYR A 111 -2.76 -17.28 -5.44
CA TYR A 111 -2.26 -15.91 -5.45
C TYR A 111 -2.14 -15.37 -6.86
N THR A 112 -2.09 -14.03 -6.92
CA THR A 112 -1.76 -13.28 -8.11
C THR A 112 -0.84 -12.15 -7.71
N PHE A 113 -0.28 -11.51 -8.73
CA PHE A 113 0.49 -10.28 -8.58
C PHE A 113 -0.31 -9.18 -9.26
N THR A 114 -0.49 -8.07 -8.56
CA THR A 114 -1.18 -6.93 -9.15
C THR A 114 -0.49 -5.64 -8.73
N THR A 115 -0.80 -4.54 -9.41
CA THR A 115 -0.31 -3.22 -9.00
C THR A 115 -1.47 -2.44 -8.40
N VAL A 116 -1.23 -1.84 -7.27
CA VAL A 116 -2.26 -1.05 -6.61
C VAL A 116 -2.22 0.38 -7.14
N LYS A 117 -3.37 1.02 -7.18
CA LYS A 117 -3.54 2.36 -7.72
C LYS A 117 -3.71 3.38 -6.60
N PRO A 118 -3.33 4.63 -6.84
CA PRO A 118 -3.50 5.66 -5.81
C PRO A 118 -4.92 5.70 -5.29
N GLY A 119 -5.02 5.84 -3.96
CA GLY A 119 -6.28 5.85 -3.25
C GLY A 119 -6.76 4.49 -2.82
N ALA A 120 -6.27 3.43 -3.45
CA ALA A 120 -6.69 2.10 -3.04
C ALA A 120 -5.91 1.63 -1.80
N ALA A 121 -6.61 0.83 -0.98
CA ALA A 121 -6.08 0.34 0.27
C ALA A 121 -5.47 -1.04 0.10
N PHE A 122 -4.49 -1.34 0.94
CA PHE A 122 -3.97 -2.69 1.00
C PHE A 122 -3.41 -2.94 2.39
N SER A 123 -3.22 -4.23 2.67
CA SER A 123 -2.71 -4.69 3.96
C SER A 123 -1.21 -4.95 3.87
N VAL A 124 -0.49 -4.62 4.93
CA VAL A 124 0.94 -4.83 5.00
C VAL A 124 1.24 -5.75 6.18
N LEU A 125 2.12 -6.72 5.95
CA LEU A 125 2.67 -7.58 6.99
C LEU A 125 4.11 -7.12 7.19
N ALA A 126 4.37 -6.42 8.30
CA ALA A 126 5.70 -5.95 8.62
C ALA A 126 6.47 -7.07 9.28
N CYS A 127 7.67 -7.32 8.77
CA CYS A 127 8.49 -8.45 9.21
C CYS A 127 9.92 -7.97 9.41
N TYR A 128 10.60 -8.62 10.33
CA TYR A 128 12.01 -8.40 10.60
C TYR A 128 12.70 -9.75 10.73
N ASN A 129 13.83 -9.91 10.03
CA ASN A 129 14.57 -11.16 10.09
C ASN A 129 13.69 -12.37 9.75
N GLY A 130 12.80 -12.20 8.79
CA GLY A 130 11.92 -13.27 8.39
C GLY A 130 10.83 -13.62 9.40
N ARG A 131 10.63 -12.78 10.42
CA ARG A 131 9.59 -13.03 11.42
C ARG A 131 8.53 -11.94 11.34
N PRO A 132 7.26 -12.26 11.12
CA PRO A 132 6.23 -11.22 11.13
C PRO A 132 6.06 -10.62 12.51
N THR A 133 5.92 -9.29 12.53
CA THR A 133 5.83 -8.56 13.78
CA THR A 133 5.85 -8.52 13.76
C THR A 133 4.58 -7.71 13.90
N GLY A 134 3.99 -7.27 12.80
CA GLY A 134 2.79 -6.48 12.87
C GLY A 134 2.08 -6.41 11.55
N THR A 135 0.82 -6.00 11.62
CA THR A 135 0.08 -5.77 10.40
C THR A 135 -0.73 -4.49 10.48
N PHE A 136 -0.85 -3.82 9.35
CA PHE A 136 -1.51 -2.54 9.26
C PHE A 136 -2.00 -2.34 7.83
N THR A 137 -2.86 -1.37 7.63
CA THR A 137 -3.38 -1.07 6.30
C THR A 137 -3.07 0.38 5.95
N VAL A 138 -2.86 0.61 4.65
CA VAL A 138 -2.48 1.91 4.12
C VAL A 138 -3.23 2.08 2.81
N VAL A 139 -3.38 3.33 2.39
CA VAL A 139 -3.81 3.69 1.05
CA VAL A 139 -3.80 3.65 1.04
C VAL A 139 -2.58 4.12 0.27
N MET A 140 -2.49 3.71 -0.98
CA MET A 140 -1.41 4.22 -1.85
C MET A 140 -1.67 5.71 -2.10
N ARG A 141 -0.70 6.56 -1.77
CA ARG A 141 -0.90 7.99 -1.94
C ARG A 141 -0.83 8.35 -3.41
N PRO A 142 -1.46 9.46 -3.80
CA PRO A 142 -1.30 9.97 -5.18
C PRO A 142 0.15 10.18 -5.64
N ASN A 143 1.10 10.41 -4.74
CA ASN A 143 2.51 10.52 -5.14
C ASN A 143 3.27 9.20 -4.99
N TYR A 144 2.56 8.08 -4.85
CA TYR A 144 3.14 6.73 -4.90
C TYR A 144 4.08 6.45 -3.75
N THR A 145 3.76 7.02 -2.60
CA THR A 145 4.29 6.66 -1.30
C THR A 145 3.14 6.09 -0.47
N ILE A 146 3.50 5.46 0.65
CA ILE A 146 2.54 5.07 1.68
C ILE A 146 3.01 5.63 3.01
N LYS A 147 2.04 5.90 3.88
CA LYS A 147 2.34 6.40 5.22
C LYS A 147 2.37 5.17 6.11
N GLY A 148 3.51 4.49 6.11
CA GLY A 148 3.68 3.26 6.84
C GLY A 148 4.40 3.39 8.17
N SER A 149 4.94 2.27 8.62
CA SER A 149 5.63 2.18 9.91
C SER A 149 6.64 1.06 9.70
N PHE A 150 7.85 1.45 9.29
CA PHE A 150 8.90 0.53 8.89
C PHE A 150 10.22 1.00 9.49
N LEU A 151 11.01 0.10 10.03
CA LEU A 151 12.32 0.38 10.58
C LEU A 151 13.40 -0.40 9.82
N CYS A 152 14.64 -0.19 10.22
CA CYS A 152 15.73 -0.97 9.62
CA CYS A 152 15.74 -0.97 9.66
C CYS A 152 15.44 -2.45 9.76
N GLY A 153 15.66 -3.19 8.66
CA GLY A 153 15.40 -4.61 8.62
C GLY A 153 14.04 -4.97 8.06
N SER A 154 13.19 -3.99 7.78
CA SER A 154 11.84 -4.27 7.34
C SER A 154 11.70 -4.53 5.84
N CYS A 155 12.75 -4.31 5.07
CA CYS A 155 12.59 -4.47 3.63
C CYS A 155 12.27 -5.90 3.29
N GLY A 156 11.46 -6.05 2.28
CA GLY A 156 10.92 -7.35 1.93
C GLY A 156 9.58 -7.63 2.57
N SER A 157 9.16 -6.82 3.55
CA SER A 157 7.79 -6.85 4.05
C SER A 157 6.84 -6.66 2.87
N VAL A 158 5.66 -7.28 2.93
N VAL A 158 5.64 -7.26 2.94
CA VAL A 158 4.82 -7.36 1.75
CA VAL A 158 4.80 -7.46 1.76
C VAL A 158 3.47 -6.70 2.00
C VAL A 158 3.43 -6.83 1.97
N GLY A 159 2.91 -6.16 0.92
CA GLY A 159 1.55 -5.64 0.94
C GLY A 159 0.69 -6.43 -0.02
N TYR A 160 -0.59 -6.54 0.30
CA TYR A 160 -1.47 -7.43 -0.46
C TYR A 160 -2.92 -7.06 -0.23
N THR A 161 -3.76 -7.43 -1.18
CA THR A 161 -5.21 -7.45 -1.02
C THR A 161 -5.68 -8.88 -1.22
N LYS A 162 -6.96 -9.10 -0.97
CA LYS A 162 -7.53 -10.44 -1.07
C LYS A 162 -8.87 -10.34 -1.76
N GLU A 163 -9.12 -11.27 -2.67
CA GLU A 163 -10.41 -11.46 -3.31
C GLU A 163 -10.78 -12.93 -3.09
N GLY A 164 -11.79 -13.17 -2.25
CA GLY A 164 -12.06 -14.54 -1.87
C GLY A 164 -10.86 -15.07 -1.13
N SER A 165 -10.42 -16.27 -1.49
CA SER A 165 -9.21 -16.83 -0.88
C SER A 165 -7.93 -16.50 -1.66
N VAL A 166 -8.01 -15.72 -2.73
CA VAL A 166 -6.83 -15.43 -3.55
C VAL A 166 -6.15 -14.18 -3.01
N ILE A 167 -4.87 -14.29 -2.75
CA ILE A 167 -4.06 -13.19 -2.25
C ILE A 167 -3.45 -12.50 -3.45
N ASN A 168 -3.68 -11.19 -3.57
CA ASN A 168 -3.12 -10.38 -4.64
C ASN A 168 -1.98 -9.57 -4.06
N PHE A 169 -0.76 -10.03 -4.29
CA PHE A 169 0.41 -9.33 -3.76
C PHE A 169 0.71 -8.11 -4.62
N CYS A 170 0.88 -6.98 -3.96
CA CYS A 170 0.99 -5.74 -4.67
C CYS A 170 2.17 -4.86 -4.26
N TYR A 171 2.90 -5.20 -3.21
CA TYR A 171 3.91 -4.29 -2.67
C TYR A 171 4.99 -5.07 -1.95
N MET A 172 6.24 -4.71 -2.20
CA MET A 172 7.37 -5.22 -1.44
C MET A 172 8.21 -4.02 -0.99
N HIS A 173 8.40 -3.91 0.32
CA HIS A 173 8.93 -2.69 0.89
C HIS A 173 10.40 -2.50 0.56
N GLN A 174 10.78 -1.26 0.23
CA GLN A 174 12.14 -0.92 -0.16
C GLN A 174 12.77 0.22 0.63
N MET A 175 12.05 1.29 0.96
CA MET A 175 12.77 2.45 1.45
C MET A 175 11.86 3.45 2.11
N GLU A 176 12.49 4.32 2.90
CA GLU A 176 11.85 5.47 3.54
C GLU A 176 12.36 6.73 2.87
N LEU A 177 11.47 7.72 2.77
CA LEU A 177 11.79 9.01 2.21
C LEU A 177 12.06 9.99 3.35
N ALA A 178 12.59 11.16 2.98
CA ALA A 178 12.99 12.13 3.99
C ALA A 178 11.80 12.64 4.79
N ASN A 179 10.59 12.64 4.21
CA ASN A 179 9.43 13.12 4.92
C ASN A 179 8.74 12.03 5.72
N GLY A 180 9.40 10.88 5.90
CA GLY A 180 8.87 9.82 6.75
C GLY A 180 7.93 8.84 6.07
N THR A 181 7.55 9.09 4.82
CA THR A 181 6.75 8.14 4.06
C THR A 181 7.65 7.08 3.46
N HIS A 182 7.01 6.10 2.85
CA HIS A 182 7.64 4.87 2.42
C HIS A 182 7.30 4.53 0.98
N THR A 183 8.16 3.77 0.34
CA THR A 183 7.77 3.20 -0.94
C THR A 183 8.50 1.88 -1.19
N GLY A 184 8.06 1.23 -2.26
CA GLY A 184 8.48 -0.12 -2.54
C GLY A 184 8.14 -0.49 -3.96
N SER A 185 8.27 -1.78 -4.25
CA SER A 185 8.17 -2.36 -5.57
C SER A 185 6.85 -3.10 -5.74
N ALA A 186 6.38 -3.13 -6.98
CA ALA A 186 5.44 -4.16 -7.37
C ALA A 186 6.21 -5.42 -7.75
N PHE A 187 5.49 -6.54 -7.86
CA PHE A 187 6.20 -7.80 -8.10
C PHE A 187 6.58 -8.00 -9.56
N ASP A 188 6.29 -7.02 -10.43
CA ASP A 188 6.92 -6.97 -11.73
C ASP A 188 8.30 -6.32 -11.64
N GLY A 189 8.72 -5.92 -10.44
CA GLY A 189 10.03 -5.35 -10.22
C GLY A 189 10.11 -3.84 -10.35
N THR A 190 9.03 -3.18 -10.78
CA THR A 190 9.04 -1.73 -10.90
C THR A 190 8.86 -1.12 -9.53
N MET A 191 9.51 0.02 -9.28
CA MET A 191 9.17 0.80 -8.09
C MET A 191 7.91 1.56 -8.37
N TYR A 192 7.08 1.72 -7.36
CA TYR A 192 5.98 2.65 -7.46
C TYR A 192 6.52 4.06 -7.68
N GLY A 193 5.86 4.80 -8.55
CA GLY A 193 6.20 6.18 -8.80
C GLY A 193 7.49 6.28 -9.58
N ALA A 194 8.14 7.43 -9.43
CA ALA A 194 9.40 7.70 -10.12
C ALA A 194 10.62 7.36 -9.29
N PHE A 195 10.45 6.64 -8.18
CA PHE A 195 11.52 6.38 -7.23
C PHE A 195 12.46 5.31 -7.76
N MET A 196 13.73 5.39 -7.32
CA MET A 196 14.70 4.32 -7.56
C MET A 196 15.25 3.82 -6.24
N ASP A 197 15.70 2.57 -6.21
CA ASP A 197 16.15 1.93 -4.96
C ASP A 197 17.59 2.34 -4.66
N LYS A 198 17.72 3.61 -4.29
CA LYS A 198 19.00 4.22 -3.93
C LYS A 198 18.74 5.22 -2.82
N GLN A 199 19.80 5.49 -2.06
CA GLN A 199 19.69 6.23 -0.82
C GLN A 199 19.98 7.71 -0.99
N VAL A 200 20.39 8.14 -2.18
CA VAL A 200 20.73 9.53 -2.44
C VAL A 200 19.50 10.37 -2.73
N HIS A 201 19.70 11.69 -2.86
CA HIS A 201 18.56 12.58 -2.98
C HIS A 201 17.73 12.25 -4.22
N GLN A 202 16.42 12.21 -4.03
CA GLN A 202 15.45 12.00 -5.09
C GLN A 202 14.31 12.99 -4.94
N VAL A 203 13.94 13.63 -6.06
CA VAL A 203 12.72 14.43 -6.11
C VAL A 203 11.54 13.59 -5.67
N GLN A 204 10.72 14.16 -4.79
CA GLN A 204 9.48 13.54 -4.38
C GLN A 204 8.29 14.29 -4.98
N LEU A 205 7.36 13.55 -5.57
CA LEU A 205 6.21 14.19 -6.16
C LEU A 205 5.30 14.69 -5.04
N THR A 206 4.49 15.66 -5.40
CA THR A 206 3.63 16.30 -4.42
C THR A 206 2.41 15.44 -4.17
N ASP A 207 2.08 15.25 -2.90
CA ASP A 207 0.89 14.49 -2.54
C ASP A 207 -0.36 15.36 -2.73
N LYS A 208 -1.52 14.69 -2.73
CA LYS A 208 -2.82 15.32 -2.96
C LYS A 208 -3.85 14.60 -2.11
N TYR A 209 -4.96 15.27 -1.85
CA TYR A 209 -6.12 14.59 -1.28
C TYR A 209 -6.74 13.67 -2.32
N CYS A 210 -7.12 12.47 -1.91
CA CYS A 210 -7.79 11.51 -2.79
CA CYS A 210 -7.78 11.53 -2.80
C CYS A 210 -9.29 11.81 -2.75
N SER A 211 -9.79 12.44 -3.81
N SER A 211 -9.81 12.43 -3.81
CA SER A 211 -11.16 12.95 -3.80
CA SER A 211 -11.17 12.95 -3.78
C SER A 211 -12.18 11.83 -3.61
C SER A 211 -12.20 11.85 -3.64
N VAL A 212 -11.98 10.69 -4.27
CA VAL A 212 -12.96 9.61 -4.17
C VAL A 212 -13.04 9.10 -2.73
N ASN A 213 -11.92 9.09 -2.02
CA ASN A 213 -11.95 8.65 -0.62
C ASN A 213 -12.58 9.71 0.28
N VAL A 214 -12.38 10.99 -0.03
CA VAL A 214 -13.06 12.02 0.73
C VAL A 214 -14.55 11.92 0.55
N VAL A 215 -15.00 11.67 -0.69
CA VAL A 215 -16.43 11.45 -0.89
C VAL A 215 -16.90 10.26 -0.06
N ALA A 216 -16.13 9.17 -0.04
CA ALA A 216 -16.53 8.00 0.73
C ALA A 216 -16.72 8.34 2.20
N TRP A 217 -15.82 9.15 2.73
CA TRP A 217 -15.86 9.52 4.14
C TRP A 217 -17.07 10.41 4.44
N LEU A 218 -17.39 11.35 3.54
CA LEU A 218 -18.59 12.15 3.72
C LEU A 218 -19.85 11.29 3.66
N TYR A 219 -19.85 10.25 2.82
CA TYR A 219 -21.00 9.33 2.84
C TYR A 219 -21.04 8.56 4.15
N ALA A 220 -19.87 8.18 4.67
CA ALA A 220 -19.85 7.51 5.97
C ALA A 220 -20.45 8.41 7.04
N ALA A 221 -20.18 9.71 6.96
CA ALA A 221 -20.76 10.65 7.91
C ALA A 221 -22.27 10.66 7.82
N ILE A 222 -22.81 10.73 6.60
CA ILE A 222 -24.25 10.74 6.39
C ILE A 222 -24.88 9.46 6.96
N LEU A 223 -24.27 8.31 6.64
CA LEU A 223 -24.73 7.04 7.17
C LEU A 223 -24.71 6.98 8.69
N ASN A 224 -23.94 7.83 9.35
CA ASN A 224 -23.96 7.96 10.80
C ASN A 224 -24.84 9.10 11.28
N GLY A 225 -25.66 9.69 10.41
CA GLY A 225 -26.56 10.74 10.83
C GLY A 225 -25.96 12.14 10.86
N CYS A 226 -24.80 12.31 10.25
CA CYS A 226 -24.06 13.58 10.25
C CYS A 226 -24.08 14.14 8.83
N ALA A 227 -24.95 15.12 8.58
CA ALA A 227 -25.12 15.61 7.21
C ALA A 227 -25.25 17.13 7.15
N TRP A 228 -24.72 17.86 8.13
CA TRP A 228 -24.89 19.30 8.17
C TRP A 228 -24.28 19.99 6.95
N PHE A 229 -23.31 19.35 6.33
CA PHE A 229 -22.59 19.88 5.17
C PHE A 229 -23.29 19.60 3.85
N VAL A 230 -24.38 18.83 3.87
CA VAL A 230 -25.14 18.51 2.66
C VAL A 230 -26.10 19.65 2.36
N LYS A 231 -26.04 20.18 1.14
CA LYS A 231 -26.91 21.26 0.69
C LYS A 231 -27.49 20.86 -0.64
N PRO A 232 -28.52 21.56 -1.13
CA PRO A 232 -29.00 21.26 -2.49
C PRO A 232 -27.94 21.53 -3.54
N ASN A 233 -26.99 22.42 -3.25
CA ASN A 233 -25.99 22.83 -4.21
C ASN A 233 -25.20 21.63 -4.73
N ARG A 234 -24.90 21.66 -6.04
N ARG A 234 -24.88 21.67 -6.03
CA ARG A 234 -24.19 20.59 -6.69
CA ARG A 234 -24.20 20.57 -6.69
C ARG A 234 -23.05 21.16 -7.53
C ARG A 234 -23.08 21.12 -7.58
N THR A 235 -21.99 20.37 -7.66
CA THR A 235 -20.89 20.67 -8.56
C THR A 235 -20.71 19.47 -9.45
N SER A 236 -20.72 19.68 -10.76
CA SER A 236 -20.52 18.59 -11.70
C SER A 236 -19.14 17.95 -11.55
N VAL A 237 -19.04 16.68 -11.95
CA VAL A 237 -17.74 16.01 -11.93
C VAL A 237 -16.74 16.76 -12.80
N VAL A 238 -17.15 17.19 -13.99
CA VAL A 238 -16.23 17.92 -14.86
CA VAL A 238 -16.23 17.93 -14.86
C VAL A 238 -15.74 19.20 -14.17
N SER A 239 -16.67 19.95 -13.57
CA SER A 239 -16.29 21.21 -12.91
C SER A 239 -15.43 20.95 -11.68
N PHE A 240 -15.80 19.94 -10.88
CA PHE A 240 -14.98 19.59 -9.73
C PHE A 240 -13.57 19.23 -10.16
N ASN A 241 -13.42 18.44 -11.22
CA ASN A 241 -12.11 17.98 -11.61
C ASN A 241 -11.24 19.13 -12.08
N GLU A 242 -11.84 20.14 -12.71
CA GLU A 242 -11.05 21.32 -13.05
C GLU A 242 -10.58 22.02 -11.78
N TRP A 243 -11.47 22.17 -10.80
CA TRP A 243 -11.11 22.78 -9.54
C TRP A 243 -10.04 21.97 -8.82
N ALA A 244 -10.14 20.64 -8.90
CA ALA A 244 -9.22 19.79 -8.17
C ALA A 244 -7.79 20.02 -8.62
N LEU A 245 -7.60 20.19 -9.93
CA LEU A 245 -6.26 20.35 -10.49
C LEU A 245 -5.58 21.57 -9.92
N ALA A 246 -6.34 22.58 -9.52
CA ALA A 246 -5.77 23.81 -8.97
C ALA A 246 -5.69 23.79 -7.45
N ASN A 247 -6.16 22.72 -6.79
CA ASN A 247 -6.29 22.74 -5.34
C ASN A 247 -5.77 21.47 -4.68
N GLN A 248 -4.87 20.74 -5.35
CA GLN A 248 -4.16 19.62 -4.76
C GLN A 248 -5.10 18.48 -4.39
N PHE A 249 -6.14 18.29 -5.20
CA PHE A 249 -7.01 17.13 -5.13
C PHE A 249 -6.79 16.28 -6.37
N THR A 250 -6.94 14.96 -6.21
CA THR A 250 -7.04 14.10 -7.38
C THR A 250 -8.36 14.37 -8.11
N GLU A 251 -8.37 14.06 -9.39
CA GLU A 251 -9.64 14.11 -10.10
C GLU A 251 -10.53 12.95 -9.64
N PHE A 252 -11.82 13.23 -9.54
CA PHE A 252 -12.81 12.25 -9.12
C PHE A 252 -13.22 11.38 -10.29
N VAL A 253 -13.16 10.07 -10.07
CA VAL A 253 -13.63 9.07 -11.01
C VAL A 253 -14.59 8.17 -10.25
N GLY A 254 -15.85 8.20 -10.63
CA GLY A 254 -16.83 7.44 -9.90
C GLY A 254 -16.72 5.95 -10.17
N THR A 255 -17.27 5.18 -9.24
CA THR A 255 -17.27 3.72 -9.30
C THR A 255 -18.60 3.20 -8.80
N GLN A 256 -18.84 1.91 -9.02
CA GLN A 256 -20.06 1.28 -8.53
C GLN A 256 -20.14 1.37 -7.02
N SER A 257 -18.98 1.27 -6.35
CA SER A 257 -18.97 1.35 -4.90
CA SER A 257 -18.99 1.33 -4.90
C SER A 257 -19.48 2.70 -4.41
N VAL A 258 -19.07 3.77 -5.07
CA VAL A 258 -19.57 5.08 -4.67
C VAL A 258 -21.06 5.20 -5.00
N ASP A 259 -21.46 4.68 -6.16
CA ASP A 259 -22.86 4.72 -6.55
C ASP A 259 -23.75 4.05 -5.51
N MET A 260 -23.27 2.95 -4.92
CA MET A 260 -24.08 2.25 -3.92
C MET A 260 -24.28 3.14 -2.69
N LEU A 261 -23.28 3.95 -2.36
CA LEU A 261 -23.41 4.87 -1.24
C LEU A 261 -24.38 6.00 -1.56
N ALA A 262 -24.37 6.49 -2.81
CA ALA A 262 -25.32 7.52 -3.19
C ALA A 262 -26.74 6.99 -3.12
N VAL A 263 -26.94 5.74 -3.52
CA VAL A 263 -28.29 5.19 -3.52
C VAL A 263 -28.79 4.99 -2.10
N LYS A 264 -27.92 4.48 -1.22
CA LYS A 264 -28.30 4.20 0.16
C LYS A 264 -28.68 5.48 0.90
N THR A 265 -27.90 6.54 0.72
CA THR A 265 -28.14 7.79 1.44
C THR A 265 -29.08 8.74 0.72
N GLY A 266 -29.28 8.56 -0.58
CA GLY A 266 -30.08 9.50 -1.32
C GLY A 266 -29.41 10.83 -1.55
N VAL A 267 -28.09 10.90 -1.35
CA VAL A 267 -27.33 12.12 -1.55
C VAL A 267 -26.46 11.93 -2.78
N ALA A 268 -26.55 12.86 -3.71
CA ALA A 268 -25.84 12.70 -4.96
C ALA A 268 -24.38 13.04 -4.81
N ILE A 269 -23.55 12.32 -5.56
CA ILE A 269 -22.12 12.57 -5.65
C ILE A 269 -21.87 14.06 -5.82
N GLU A 270 -22.63 14.70 -6.72
CA GLU A 270 -22.37 16.09 -7.05
C GLU A 270 -22.64 17.02 -5.88
N GLN A 271 -23.53 16.64 -4.96
CA GLN A 271 -23.74 17.40 -3.73
C GLN A 271 -22.51 17.34 -2.85
N LEU A 272 -21.84 16.18 -2.81
CA LEU A 272 -20.65 16.08 -1.96
C LEU A 272 -19.43 16.69 -2.62
N LEU A 273 -19.40 16.77 -3.95
CA LEU A 273 -18.30 17.47 -4.60
C LEU A 273 -18.38 18.96 -4.26
N TYR A 274 -19.59 19.50 -4.25
CA TYR A 274 -19.76 20.87 -3.80
C TYR A 274 -19.37 21.01 -2.33
N ALA A 275 -19.76 20.06 -1.48
CA ALA A 275 -19.42 20.17 -0.07
C ALA A 275 -17.91 20.19 0.12
N ILE A 276 -17.19 19.36 -0.63
CA ILE A 276 -15.74 19.30 -0.47
C ILE A 276 -15.13 20.65 -0.78
N GLN A 277 -15.60 21.32 -1.84
CA GLN A 277 -15.03 22.62 -2.21
C GLN A 277 -15.26 23.64 -1.10
N GLN A 278 -16.40 23.54 -0.40
CA GLN A 278 -16.66 24.45 0.70
C GLN A 278 -15.89 24.06 1.95
N LEU A 279 -15.82 22.76 2.25
CA LEU A 279 -15.11 22.32 3.44
C LEU A 279 -13.61 22.56 3.30
N TYR A 280 -13.08 22.41 2.09
CA TYR A 280 -11.66 22.71 1.88
C TYR A 280 -11.33 24.12 2.34
N THR A 281 -12.26 25.06 2.20
CA THR A 281 -12.04 26.44 2.65
C THR A 281 -12.19 26.59 4.15
N GLY A 282 -12.77 25.60 4.83
CA GLY A 282 -12.82 25.64 6.28
C GLY A 282 -14.08 25.00 6.82
N PHE A 283 -13.97 24.32 7.96
CA PHE A 283 -15.12 23.67 8.58
C PHE A 283 -15.91 24.63 9.46
N GLN A 284 -15.39 25.84 9.68
CA GLN A 284 -16.05 26.87 10.47
C GLN A 284 -16.53 26.34 11.82
N GLY A 285 -15.59 25.76 12.56
CA GLY A 285 -15.83 25.33 13.91
C GLY A 285 -16.59 24.03 14.05
N LYS A 286 -17.08 23.45 12.95
CA LYS A 286 -17.85 22.22 13.03
C LYS A 286 -16.95 21.02 12.78
N GLN A 287 -17.42 19.86 13.23
CA GLN A 287 -16.71 18.61 13.04
C GLN A 287 -17.52 17.67 12.18
N ILE A 288 -16.80 16.75 11.53
CA ILE A 288 -17.40 15.65 10.79
C ILE A 288 -16.75 14.37 11.31
N LEU A 289 -17.55 13.48 11.87
CA LEU A 289 -17.04 12.22 12.41
C LEU A 289 -15.80 12.49 13.26
N GLY A 290 -15.94 13.47 14.14
CA GLY A 290 -14.92 13.83 15.11
C GLY A 290 -13.75 14.63 14.58
N SER A 291 -13.77 15.05 13.33
CA SER A 291 -12.61 15.62 12.66
C SER A 291 -12.90 17.02 12.14
N THR A 292 -11.88 17.88 12.16
CA THR A 292 -11.99 19.21 11.58
C THR A 292 -11.19 19.36 10.30
N MET A 293 -10.74 18.26 9.70
CA MET A 293 -10.17 18.27 8.37
C MET A 293 -10.69 17.09 7.58
N LEU A 294 -10.59 17.21 6.26
CA LEU A 294 -11.02 16.15 5.36
C LEU A 294 -10.18 14.90 5.59
N GLU A 295 -10.84 13.75 5.46
CA GLU A 295 -10.22 12.45 5.66
C GLU A 295 -10.26 11.69 4.33
N ASP A 296 -9.10 11.21 3.86
CA ASP A 296 -9.06 10.48 2.60
C ASP A 296 -8.43 9.11 2.74
N GLU A 297 -8.33 8.58 3.96
CA GLU A 297 -7.68 7.29 4.18
C GLU A 297 -8.66 6.13 4.24
N PHE A 298 -9.94 6.38 3.97
CA PHE A 298 -10.95 5.32 3.85
C PHE A 298 -11.54 5.30 2.45
N THR A 299 -11.68 4.11 1.92
CA THR A 299 -12.18 3.92 0.56
C THR A 299 -13.69 3.74 0.53
N PRO A 300 -14.28 3.87 -0.65
CA PRO A 300 -15.70 3.53 -0.78
C PRO A 300 -16.00 2.09 -0.42
N GLU A 301 -15.07 1.19 -0.73
CA GLU A 301 -15.24 -0.21 -0.37
C GLU A 301 -15.20 -0.39 1.15
N ASP A 302 -14.33 0.36 1.84
CA ASP A 302 -14.31 0.30 3.30
C ASP A 302 -15.65 0.68 3.88
N VAL A 303 -16.26 1.74 3.34
CA VAL A 303 -17.52 2.24 3.88
C VAL A 303 -18.62 1.22 3.60
N ASN A 304 -18.67 0.71 2.37
CA ASN A 304 -19.66 -0.31 2.04
C ASN A 304 -19.53 -1.53 2.94
N MET A 305 -18.30 -2.01 3.17
CA MET A 305 -18.11 -3.24 3.94
C MET A 305 -18.32 -3.01 5.44
N GLN A 306 -17.70 -1.97 5.98
CA GLN A 306 -17.71 -1.85 7.43
C GLN A 306 -19.02 -1.30 7.96
N ILE A 307 -19.66 -0.40 7.23
CA ILE A 307 -20.89 0.22 7.71
C ILE A 307 -22.12 -0.46 7.12
N MET A 308 -22.19 -0.57 5.79
CA MET A 308 -23.35 -1.18 5.16
C MET A 308 -23.29 -2.70 5.12
N GLY A 309 -22.19 -3.29 5.57
CA GLY A 309 -22.11 -4.74 5.61
C GLY A 309 -22.20 -5.41 4.27
N VAL A 310 -21.81 -4.71 3.21
CA VAL A 310 -21.71 -5.25 1.84
C VAL A 310 -20.34 -5.90 1.67
C18 A1AGV B . 15.16 -1.85 4.22
C16 A1AGV B . 14.29 2.87 7.66
C15 A1AGV B . 12.66 2.08 6.18
C14 A1AGV B . 13.99 1.55 5.69
C12 A1AGV B . 15.22 -0.36 4.56
C11 A1AGV B . 16.69 1.17 3.32
C10 A1AGV B . 16.97 1.78 -1.07
C19 A1AGV B . 17.17 8.03 3.06
C22 A1AGV B . 19.00 11.41 2.78
C6 A1AGV B . 16.93 1.91 1.99
C7 A1AGV B . 17.99 1.19 1.16
C8 A1AGV B . 18.23 1.78 -0.23
C9 A1AGV B . 19.35 1.04 -0.94
O4 A1AGV B . 15.06 -2.65 5.37
C3 A1AGV B . 16.18 7.33 4.01
C2 A1AGV B . 16.07 8.35 5.16
C17 A1AGV B . 14.88 1.69 6.92
C1 A1AGV B . 16.29 9.68 4.49
C21 A1AGV B . 18.19 10.68 1.71
C23 A1AGV B . 19.55 12.65 2.03
C24 A1AGV B . 18.37 13.52 1.74
C25 A1AGV B . 17.63 12.90 0.83
C26 A1AGV B . 18.32 11.63 0.47
C13 A1AGV B . 13.88 0.13 5.13
C20 A1AGV B . 16.76 10.38 2.13
C27 A1AGV B . 19.79 12.05 0.63
C4 A1AGV B . 16.51 5.93 4.44
C5 A1AGV B . 16.47 4.07 2.97
N1 A1AGV B . 17.29 3.29 2.25
N2 A1AGV B . 15.59 0.42 3.38
N3 A1AGV B . 12.87 2.75 7.32
N4 A1AGV B . 16.73 9.42 3.23
O1 A1AGV B . 16.10 10.79 4.97
O2 A1AGV B . 17.10 5.21 3.34
O3 A1AGV B . 11.58 1.95 5.61
O5 A1AGV B . 17.47 1.30 4.26
O6 A1AGV B . 15.31 3.82 3.23
C10 A1AGU C . 16.98 1.78 -1.06
C13 A1AGU C . 13.91 0.09 5.12
C15 A1AGU C . 12.68 2.07 6.14
C21 A1AGU C . 18.16 10.63 1.70
C12 A1AGU C . 15.23 -0.44 4.57
C16 A1AGU C . 14.30 2.85 7.62
C19 A1AGU C . 17.14 8.02 3.02
C23 A1AGU C . 19.56 12.57 2.04
C6 A1AGU C . 16.98 1.84 2.02
C7 A1AGU C . 18.02 1.15 1.15
C8 A1AGU C . 18.24 1.76 -0.23
C9 A1AGU C . 19.35 1.04 -0.96
O4 A1AGU C . 16.45 -2.44 3.88
C3 A1AGU C . 16.21 7.29 3.98
C2 A1AGU C . 16.04 8.31 5.11
C14 A1AGU C . 14.02 1.50 5.67
C17 A1AGU C . 14.90 1.66 6.90
C1 A1AGU C . 16.20 9.65 4.42
C22 A1AGU C . 18.99 11.33 2.79
C24 A1AGU C . 18.39 13.46 1.73
C25 A1AGU C . 17.66 12.86 0.80
C26 A1AGU C . 18.33 11.57 0.47
C18 A1AGU C . 15.17 -1.93 4.23
C11 A1AGU C . 16.76 1.03 3.31
C20 A1AGU C . 16.72 10.39 2.09
C27 A1AGU C . 19.81 11.96 0.65
C4 A1AGU C . 16.59 5.91 4.45
C5 A1AGU C . 16.55 3.99 3.06
N1 A1AGU C . 17.35 3.21 2.31
N2 A1AGU C . 15.63 0.33 3.39
N3 A1AGU C . 12.90 2.74 7.27
N4 A1AGU C . 16.57 9.38 3.14
O1 A1AGU C . 16.03 10.76 4.90
O2 A1AGU C . 17.15 5.16 3.35
O3 A1AGU C . 11.61 1.94 5.56
O5 A1AGU C . 17.60 1.06 4.20
O6 A1AGU C . 15.42 3.68 3.41
#